data_7IA7
#
_entry.id   7IA7
#
_cell.length_a   42.655
_cell.length_b   42.655
_cell.length_c   217.599
_cell.angle_alpha   90.000
_cell.angle_beta   90.000
_cell.angle_gamma   90.000
#
_symmetry.space_group_name_H-M   'P 43 2 2'
#
loop_
_entity.id
_entity.type
_entity.pdbx_description
1 polymer 'Serine protease subunit NS2B'
2 polymer 'Serine protease NS3'
3 non-polymer 'DIMETHYL SULFOXIDE'
4 non-polymer 6-bromo-N-(2,3-dihydro-1H-isoindol-5-yl)-2-oxo-2,3-dihydro-1H-1,3-benzimidazole-4-carboxamide
5 water water
#
loop_
_entity_poly.entity_id
_entity_poly.type
_entity_poly.pdbx_seq_one_letter_code
_entity_poly.pdbx_strand_id
1 'polypeptide(L)' SMGKSVDMYIERAGDITWEKDAEVTGNSPRLDVALDESGDFSLVEE A
2 'polypeptide(L)'
;MKEVKKGETTDGVYRVMTRRLLGSTQVGVGVMQEGVFHTMWHVTKGAALRSGEGRLDPYWGDVKQDLVSYCGPWKLDAAW
DGLSEVQLLAVPPGERAKNIQTLPGIFKTKDGDIGAVALDYPAGTSGSPILDKCGRVIGLYGNGVVIKNGSYVSAITQGK
REEETPVE
;
B
#
loop_
_chem_comp.id
_chem_comp.type
_chem_comp.name
_chem_comp.formula
A1B8W non-polymer 6-bromo-N-(2,3-dihydro-1H-isoindol-5-yl)-2-oxo-2,3-dihydro-1H-1,3-benzimidazole-4-carboxamide 'C16 H13 Br N4 O2'
DMS non-polymer 'DIMETHYL SULFOXIDE' 'C2 H6 O S'
#
# COMPACT_ATOMS: atom_id res chain seq x y z
N ASP A 7 -16.60 -10.81 -8.65
CA ASP A 7 -16.29 -10.73 -7.22
C ASP A 7 -14.81 -10.91 -6.91
N MET A 8 -14.28 -9.94 -6.14
CA MET A 8 -12.91 -9.88 -5.68
C MET A 8 -12.77 -10.70 -4.40
N TYR A 9 -11.61 -11.35 -4.20
CA TYR A 9 -11.35 -12.18 -3.03
C TYR A 9 -9.93 -12.01 -2.49
N ILE A 10 -9.70 -12.31 -1.20
CA ILE A 10 -8.37 -12.15 -0.62
C ILE A 10 -7.71 -13.49 -0.27
N GLU A 11 -6.39 -13.55 -0.45
CA GLU A 11 -5.57 -14.73 -0.17
C GLU A 11 -4.40 -14.29 0.71
N ARG A 12 -4.12 -14.99 1.82
CA ARG A 12 -3.00 -14.63 2.69
C ARG A 12 -1.67 -14.70 1.94
N ALA A 13 -0.82 -13.69 2.10
CA ALA A 13 0.48 -13.68 1.45
C ALA A 13 1.68 -13.71 2.43
N GLY A 14 1.43 -13.53 3.72
CA GLY A 14 2.49 -13.60 4.72
C GLY A 14 2.31 -12.76 5.95
N ASP A 15 3.35 -12.71 6.78
CA ASP A 15 3.39 -11.93 8.01
C ASP A 15 3.96 -10.53 7.76
N ILE A 16 3.62 -9.59 8.63
CA ILE A 16 4.17 -8.25 8.55
C ILE A 16 5.26 -8.11 9.61
N THR A 17 6.51 -8.33 9.20
N THR A 17 6.51 -8.33 9.22
CA THR A 17 7.68 -8.26 10.08
CA THR A 17 7.67 -8.31 10.13
C THR A 17 8.84 -7.56 9.37
C THR A 17 8.89 -7.70 9.43
N TRP A 18 9.69 -6.90 10.15
CA TRP A 18 10.89 -6.28 9.61
C TRP A 18 11.92 -7.43 9.39
N GLU A 19 12.56 -7.47 8.23
CA GLU A 19 13.55 -8.49 7.93
C GLU A 19 14.97 -7.92 7.99
N LYS A 20 15.81 -8.41 8.90
CA LYS A 20 17.20 -7.98 8.97
C LYS A 20 17.93 -8.53 7.75
N ASP A 21 18.93 -7.80 7.26
CA ASP A 21 19.71 -8.19 6.07
C ASP A 21 18.82 -8.32 4.83
N ALA A 22 17.87 -7.39 4.68
CA ALA A 22 17.02 -7.38 3.49
C ALA A 22 17.76 -6.66 2.35
N GLU A 23 17.29 -6.84 1.10
CA GLU A 23 17.90 -6.21 -0.07
C GLU A 23 17.71 -4.67 -0.03
N VAL A 24 18.80 -3.91 0.20
CA VAL A 24 18.79 -2.44 0.29
C VAL A 24 18.97 -1.77 -1.07
N THR A 25 17.90 -1.24 -1.66
CA THR A 25 17.96 -0.60 -2.98
C THR A 25 17.04 0.66 -3.03
N GLY A 26 17.05 1.38 -4.15
CA GLY A 26 16.21 2.56 -4.32
C GLY A 26 16.87 3.84 -3.88
N ASN A 27 16.50 4.96 -4.53
CA ASN A 27 17.04 6.25 -4.17
C ASN A 27 16.04 7.08 -3.31
N SER A 28 16.39 8.33 -2.93
CA SER A 28 15.54 9.18 -2.09
C SER A 28 15.34 10.55 -2.79
N PRO A 29 14.46 10.62 -3.79
CA PRO A 29 14.30 11.89 -4.53
C PRO A 29 13.32 12.87 -3.90
N ARG A 30 13.58 14.18 -4.07
CA ARG A 30 12.68 15.20 -3.56
C ARG A 30 11.96 15.78 -4.77
N LEU A 31 10.69 15.42 -4.95
CA LEU A 31 9.89 15.83 -6.11
C LEU A 31 8.80 16.82 -5.76
N ASP A 32 8.60 17.85 -6.62
CA ASP A 32 7.53 18.82 -6.44
C ASP A 32 6.29 18.23 -7.05
N VAL A 33 5.31 17.83 -6.23
CA VAL A 33 4.10 17.21 -6.74
C VAL A 33 2.81 17.99 -6.40
N ALA A 34 1.71 17.67 -7.09
CA ALA A 34 0.39 18.24 -6.85
C ALA A 34 -0.61 17.10 -6.81
N LEU A 35 -1.59 17.17 -5.91
CA LEU A 35 -2.60 16.13 -5.81
C LEU A 35 -3.97 16.68 -6.16
N ASP A 36 -4.63 16.11 -7.20
CA ASP A 36 -5.96 16.58 -7.60
C ASP A 36 -7.10 15.89 -6.78
N GLU A 37 -8.37 16.28 -7.02
CA GLU A 37 -9.54 15.75 -6.34
C GLU A 37 -9.76 14.25 -6.60
N SER A 38 -9.26 13.72 -7.72
CA SER A 38 -9.40 12.30 -8.03
C SER A 38 -8.32 11.41 -7.40
N GLY A 39 -7.53 11.94 -6.45
CA GLY A 39 -6.48 11.21 -5.77
C GLY A 39 -5.28 10.89 -6.64
N ASP A 40 -5.08 11.65 -7.74
CA ASP A 40 -3.99 11.47 -8.67
C ASP A 40 -2.89 12.54 -8.51
N PHE A 41 -1.61 12.10 -8.44
CA PHE A 41 -0.45 12.98 -8.33
C PHE A 41 0.13 13.35 -9.70
N SER A 42 0.80 14.50 -9.79
CA SER A 42 1.48 14.95 -11.01
C SER A 42 2.71 15.81 -10.66
N LEU A 43 3.64 15.98 -11.62
CA LEU A 43 4.85 16.76 -11.35
C LEU A 43 4.69 18.24 -11.65
N VAL A 44 5.32 19.12 -10.84
CA VAL A 44 5.19 20.55 -11.03
C VAL A 44 6.46 21.17 -11.61
N GLY B 7 -14.40 -15.17 6.68
CA GLY B 7 -13.69 -16.34 7.18
C GLY B 7 -12.37 -15.99 7.85
N GLU B 8 -11.26 -16.04 7.09
CA GLU B 8 -9.93 -15.74 7.62
C GLU B 8 -9.71 -14.26 7.96
N THR B 9 -9.48 -13.97 9.24
N THR B 9 -9.48 -13.98 9.24
CA THR B 9 -9.23 -12.60 9.68
CA THR B 9 -9.24 -12.62 9.75
C THR B 9 -7.91 -12.49 10.48
C THR B 9 -7.90 -12.49 10.47
N THR B 10 -6.96 -13.42 10.25
CA THR B 10 -5.66 -13.43 10.91
C THR B 10 -4.85 -12.22 10.40
N ASP B 11 -4.11 -11.54 11.28
CA ASP B 11 -3.28 -10.40 10.85
C ASP B 11 -2.26 -10.84 9.79
N GLY B 12 -1.90 -9.93 8.91
CA GLY B 12 -0.92 -10.21 7.88
C GLY B 12 -1.18 -9.48 6.58
N VAL B 13 -0.34 -9.73 5.60
CA VAL B 13 -0.46 -9.11 4.29
C VAL B 13 -1.23 -10.09 3.38
N TYR B 14 -2.12 -9.57 2.51
CA TYR B 14 -2.99 -10.42 1.67
C TYR B 14 -3.04 -9.90 0.24
N ARG B 15 -3.22 -10.82 -0.72
CA ARG B 15 -3.36 -10.46 -2.12
C ARG B 15 -4.83 -10.23 -2.43
N VAL B 16 -5.11 -9.23 -3.23
CA VAL B 16 -6.46 -8.90 -3.69
C VAL B 16 -6.58 -9.45 -5.12
N MET B 17 -7.40 -10.48 -5.29
CA MET B 17 -7.55 -11.17 -6.57
C MET B 17 -8.91 -10.96 -7.22
N THR B 18 -9.00 -11.17 -8.54
CA THR B 18 -10.27 -11.13 -9.27
C THR B 18 -10.32 -12.21 -10.34
N ARG B 19 -11.50 -12.75 -10.59
CA ARG B 19 -11.70 -13.74 -11.66
C ARG B 19 -12.53 -13.15 -12.86
N ARG B 20 -12.84 -11.83 -12.82
CA ARG B 20 -13.60 -11.11 -13.85
C ARG B 20 -12.85 -11.03 -15.18
N LEU B 21 -11.51 -11.04 -15.14
CA LEU B 21 -10.72 -11.06 -16.36
C LEU B 21 -10.37 -12.55 -16.71
N LEU B 22 -9.32 -12.78 -17.51
CA LEU B 22 -8.86 -14.11 -17.85
C LEU B 22 -8.13 -14.68 -16.60
N GLY B 23 -8.35 -15.96 -16.31
CA GLY B 23 -7.79 -16.62 -15.13
C GLY B 23 -8.03 -15.86 -13.82
N SER B 24 -7.06 -15.92 -12.91
CA SER B 24 -7.14 -15.19 -11.65
C SER B 24 -6.08 -14.10 -11.75
N THR B 25 -6.49 -12.84 -11.61
CA THR B 25 -5.59 -11.70 -11.73
C THR B 25 -5.43 -10.95 -10.41
N GLN B 26 -4.19 -10.67 -10.02
CA GLN B 26 -3.95 -9.88 -8.83
C GLN B 26 -4.13 -8.39 -9.13
N VAL B 27 -5.17 -7.78 -8.56
CA VAL B 27 -5.43 -6.35 -8.77
C VAL B 27 -4.78 -5.45 -7.69
N GLY B 28 -4.33 -6.04 -6.59
CA GLY B 28 -3.72 -5.29 -5.50
C GLY B 28 -3.38 -6.14 -4.30
N VAL B 29 -3.07 -5.48 -3.18
CA VAL B 29 -2.62 -6.04 -1.90
C VAL B 29 -3.27 -5.24 -0.73
N GLY B 30 -3.31 -5.80 0.47
CA GLY B 30 -3.84 -5.11 1.64
C GLY B 30 -3.31 -5.64 2.95
N VAL B 31 -3.65 -4.97 4.06
CA VAL B 31 -3.20 -5.35 5.40
C VAL B 31 -4.37 -5.73 6.30
N MET B 32 -4.29 -6.86 6.98
CA MET B 32 -5.33 -7.22 7.95
C MET B 32 -4.75 -6.87 9.32
N GLN B 33 -5.44 -6.04 10.10
CA GLN B 33 -4.98 -5.66 11.44
C GLN B 33 -6.19 -5.32 12.28
N GLU B 34 -6.34 -6.00 13.42
CA GLU B 34 -7.46 -5.80 14.36
C GLU B 34 -8.85 -5.99 13.74
N GLY B 35 -8.98 -7.03 12.91
CA GLY B 35 -10.24 -7.37 12.25
C GLY B 35 -10.67 -6.40 11.17
N VAL B 36 -9.72 -5.58 10.66
CA VAL B 36 -9.99 -4.61 9.61
C VAL B 36 -9.04 -4.84 8.44
N PHE B 37 -9.58 -4.88 7.21
CA PHE B 37 -8.75 -5.00 6.01
C PHE B 37 -8.48 -3.60 5.46
N HIS B 38 -7.22 -3.25 5.25
CA HIS B 38 -6.85 -1.92 4.76
C HIS B 38 -6.25 -2.05 3.39
N THR B 39 -6.79 -1.35 2.38
CA THR B 39 -6.21 -1.40 1.03
C THR B 39 -6.33 0.01 0.36
N MET B 40 -5.90 0.14 -0.90
CA MET B 40 -6.00 1.41 -1.62
C MET B 40 -7.35 1.44 -2.35
N TRP B 41 -7.98 2.63 -2.45
CA TRP B 41 -9.27 2.76 -3.11
CA TRP B 41 -9.28 2.75 -3.10
C TRP B 41 -9.27 2.26 -4.54
N HIS B 42 -8.23 2.62 -5.33
CA HIS B 42 -8.19 2.20 -6.74
C HIS B 42 -8.06 0.68 -6.95
N VAL B 43 -7.72 -0.08 -5.90
CA VAL B 43 -7.63 -1.53 -6.00
C VAL B 43 -9.03 -2.16 -6.10
N THR B 44 -9.96 -1.73 -5.24
CA THR B 44 -11.27 -2.33 -5.18
C THR B 44 -12.43 -1.48 -5.73
N LYS B 45 -12.24 -0.14 -5.75
CA LYS B 45 -13.24 0.89 -6.08
C LYS B 45 -14.38 0.94 -5.04
N GLY B 46 -14.15 0.38 -3.85
CA GLY B 46 -15.15 0.32 -2.80
C GLY B 46 -16.00 -0.95 -2.86
N ALA B 47 -15.72 -1.87 -3.79
CA ALA B 47 -16.49 -3.12 -3.92
C ALA B 47 -16.28 -4.06 -2.73
N ALA B 48 -17.25 -4.96 -2.48
CA ALA B 48 -17.17 -5.93 -1.40
C ALA B 48 -16.20 -7.02 -1.79
N LEU B 49 -15.50 -7.59 -0.81
CA LEU B 49 -14.50 -8.63 -1.03
C LEU B 49 -14.91 -9.93 -0.37
N ARG B 50 -14.38 -11.05 -0.84
CA ARG B 50 -14.68 -12.37 -0.28
C ARG B 50 -13.43 -12.91 0.46
N SER B 51 -13.61 -13.56 1.60
CA SER B 51 -12.50 -14.18 2.33
C SER B 51 -12.88 -15.62 2.62
N GLY B 52 -12.89 -16.43 1.57
CA GLY B 52 -13.32 -17.82 1.68
C GLY B 52 -14.83 -17.87 1.59
N GLU B 53 -15.49 -18.38 2.64
CA GLU B 53 -16.95 -18.40 2.67
C GLU B 53 -17.54 -17.05 3.16
N GLY B 54 -16.75 -16.25 3.86
CA GLY B 54 -17.19 -14.97 4.40
C GLY B 54 -17.16 -13.81 3.43
N ARG B 55 -17.65 -12.67 3.88
CA ARG B 55 -17.72 -11.48 3.05
C ARG B 55 -17.23 -10.28 3.85
N LEU B 56 -16.45 -9.40 3.22
CA LEU B 56 -15.98 -8.19 3.86
C LEU B 56 -16.67 -7.04 3.19
N ASP B 57 -17.31 -6.19 3.99
CA ASP B 57 -18.01 -5.03 3.45
C ASP B 57 -17.24 -3.76 3.74
N PRO B 58 -17.18 -2.83 2.77
CA PRO B 58 -16.50 -1.55 3.00
C PRO B 58 -17.07 -0.77 4.20
N TYR B 59 -16.20 -0.14 5.01
CA TYR B 59 -16.66 0.64 6.17
C TYR B 59 -16.33 2.15 6.01
N TRP B 60 -15.14 2.47 5.51
CA TRP B 60 -14.71 3.85 5.29
C TRP B 60 -13.90 3.89 4.00
N GLY B 61 -13.98 4.99 3.27
CA GLY B 61 -13.18 5.16 2.06
C GLY B 61 -13.09 6.60 1.61
N ASP B 62 -12.03 6.96 0.89
CA ASP B 62 -11.85 8.31 0.38
C ASP B 62 -10.98 8.25 -0.89
N VAL B 63 -11.52 8.70 -2.03
CA VAL B 63 -10.83 8.71 -3.33
C VAL B 63 -9.58 9.60 -3.32
N LYS B 64 -9.64 10.80 -2.72
CA LYS B 64 -8.46 11.68 -2.69
C LYS B 64 -7.30 11.10 -1.89
N GLN B 65 -7.57 10.58 -0.68
CA GLN B 65 -6.52 9.90 0.10
C GLN B 65 -6.08 8.57 -0.54
N ASP B 66 -6.97 7.95 -1.36
CA ASP B 66 -6.84 6.67 -2.07
C ASP B 66 -6.83 5.52 -1.07
N LEU B 67 -7.64 5.60 0.01
CA LEU B 67 -7.66 4.52 1.01
C LEU B 67 -9.06 3.99 1.27
N VAL B 68 -9.15 2.74 1.73
CA VAL B 68 -10.44 2.12 2.03
C VAL B 68 -10.26 1.09 3.15
N SER B 69 -11.19 1.03 4.11
CA SER B 69 -11.13 0.03 5.18
C SER B 69 -12.37 -0.89 5.12
N TYR B 70 -12.24 -2.13 5.56
CA TYR B 70 -13.30 -3.13 5.53
C TYR B 70 -13.53 -3.67 6.94
N CYS B 71 -14.82 -3.80 7.34
CA CYS B 71 -15.28 -4.35 8.63
C CYS B 71 -15.15 -3.38 9.82
N GLY B 72 -14.35 -2.34 9.67
CA GLY B 72 -14.17 -1.37 10.74
C GLY B 72 -13.36 -0.19 10.27
N PRO B 73 -13.15 0.78 11.18
CA PRO B 73 -12.37 1.98 10.82
C PRO B 73 -10.88 1.74 10.64
N TRP B 74 -10.21 2.63 9.88
CA TRP B 74 -8.76 2.58 9.64
C TRP B 74 -7.99 2.46 10.99
N LYS B 75 -7.12 1.46 11.10
CA LYS B 75 -6.41 1.18 12.35
C LYS B 75 -4.93 1.52 12.33
N LEU B 76 -4.35 1.77 11.14
CA LEU B 76 -2.92 2.00 11.01
C LEU B 76 -2.60 3.45 11.24
N ASP B 77 -1.74 3.75 12.22
CA ASP B 77 -1.42 5.15 12.53
C ASP B 77 0.06 5.41 12.79
N ALA B 78 0.94 4.47 12.44
CA ALA B 78 2.38 4.71 12.58
C ALA B 78 2.82 5.68 11.48
N ALA B 79 3.79 6.55 11.80
CA ALA B 79 4.27 7.55 10.86
C ALA B 79 5.75 7.37 10.57
N TRP B 80 6.20 7.73 9.35
CA TRP B 80 7.63 7.72 9.02
C TRP B 80 8.30 8.83 9.85
N ASP B 81 9.44 8.54 10.47
CA ASP B 81 10.09 9.51 11.34
C ASP B 81 10.84 10.63 10.56
N GLY B 82 10.90 10.52 9.24
CA GLY B 82 11.55 11.48 8.35
C GLY B 82 13.05 11.34 8.26
N LEU B 83 13.63 10.33 8.92
CA LEU B 83 15.07 10.15 8.96
C LEU B 83 15.54 8.72 8.68
N SER B 84 14.74 7.73 9.06
CA SER B 84 15.16 6.33 8.98
C SER B 84 14.78 5.57 7.71
N GLU B 85 15.50 4.48 7.44
CA GLU B 85 15.17 3.60 6.34
C GLU B 85 13.92 2.80 6.71
N VAL B 86 13.15 2.44 5.69
CA VAL B 86 11.89 1.72 5.81
C VAL B 86 12.00 0.39 5.03
N GLN B 87 10.96 -0.45 5.09
CA GLN B 87 10.92 -1.66 4.31
C GLN B 87 9.58 -1.78 3.57
N LEU B 88 9.63 -1.77 2.23
CA LEU B 88 8.46 -2.06 1.43
C LEU B 88 8.31 -3.59 1.43
N LEU B 89 7.22 -4.09 2.00
CA LEU B 89 6.95 -5.52 1.98
C LEU B 89 6.13 -5.70 0.71
N ALA B 90 6.84 -5.85 -0.43
CA ALA B 90 6.21 -6.01 -1.74
C ALA B 90 5.64 -7.39 -1.95
N VAL B 91 4.42 -7.45 -2.46
CA VAL B 91 3.76 -8.72 -2.77
C VAL B 91 3.40 -8.62 -4.28
N PRO B 92 4.34 -8.99 -5.19
CA PRO B 92 4.07 -8.79 -6.62
C PRO B 92 3.24 -9.89 -7.25
N PRO B 93 2.47 -9.59 -8.31
CA PRO B 93 1.64 -10.65 -8.94
C PRO B 93 2.41 -11.93 -9.33
N GLY B 94 1.91 -13.08 -8.87
CA GLY B 94 2.52 -14.38 -9.12
C GLY B 94 3.85 -14.63 -8.41
N GLU B 95 4.29 -13.68 -7.59
CA GLU B 95 5.57 -13.79 -6.90
C GLU B 95 5.41 -13.72 -5.39
N ARG B 96 6.32 -14.37 -4.67
CA ARG B 96 6.36 -14.46 -3.22
C ARG B 96 6.64 -13.12 -2.57
N ALA B 97 6.00 -12.83 -1.42
CA ALA B 97 6.20 -11.60 -0.64
C ALA B 97 7.68 -11.46 -0.29
N LYS B 98 8.20 -10.23 -0.36
CA LYS B 98 9.62 -9.98 -0.14
C LYS B 98 9.86 -8.55 0.35
N ASN B 99 10.67 -8.41 1.41
CA ASN B 99 11.01 -7.13 2.06
C ASN B 99 12.15 -6.42 1.33
N ILE B 100 11.93 -5.15 0.96
CA ILE B 100 12.95 -4.35 0.29
C ILE B 100 13.25 -3.13 1.15
N GLN B 101 14.49 -2.97 1.61
CA GLN B 101 14.86 -1.84 2.46
C GLN B 101 15.28 -0.63 1.65
N THR B 102 14.71 0.55 1.94
CA THR B 102 15.04 1.77 1.20
C THR B 102 14.98 2.99 2.10
N LEU B 103 15.64 4.09 1.69
CA LEU B 103 15.53 5.34 2.42
C LEU B 103 14.63 6.19 1.57
N PRO B 104 13.45 6.54 2.11
CA PRO B 104 12.51 7.34 1.30
C PRO B 104 12.98 8.76 1.02
N GLY B 105 12.48 9.28 -0.08
CA GLY B 105 12.65 10.66 -0.49
C GLY B 105 11.47 11.48 0.00
N ILE B 106 11.18 12.58 -0.68
CA ILE B 106 10.11 13.49 -0.28
C ILE B 106 9.22 13.93 -1.43
N PHE B 107 7.91 14.02 -1.19
CA PHE B 107 6.96 14.62 -2.12
C PHE B 107 6.70 15.98 -1.48
N LYS B 108 7.09 17.09 -2.11
CA LYS B 108 6.81 18.42 -1.59
C LYS B 108 5.48 18.85 -2.20
N THR B 109 4.45 19.15 -1.37
CA THR B 109 3.10 19.55 -1.83
C THR B 109 2.68 20.94 -1.27
N LYS B 110 1.55 21.51 -1.73
CA LYS B 110 1.04 22.79 -1.23
C LYS B 110 0.60 22.70 0.27
N ASP B 111 0.32 21.47 0.76
CA ASP B 111 -0.14 21.25 2.12
C ASP B 111 0.89 20.41 2.88
N GLY B 112 2.17 20.70 2.71
CA GLY B 112 3.22 19.97 3.41
C GLY B 112 3.83 18.82 2.64
N ASP B 113 4.84 18.16 3.25
CA ASP B 113 5.58 17.05 2.66
C ASP B 113 5.13 15.62 3.04
N ILE B 114 5.36 14.67 2.13
CA ILE B 114 5.02 13.25 2.31
C ILE B 114 6.25 12.40 1.99
N GLY B 115 6.41 11.28 2.69
CA GLY B 115 7.50 10.34 2.39
C GLY B 115 7.27 9.71 1.03
N ALA B 116 8.34 9.26 0.37
CA ALA B 116 8.20 8.64 -0.94
C ALA B 116 9.18 7.53 -1.19
N VAL B 117 8.68 6.33 -1.50
CA VAL B 117 9.55 5.20 -1.79
CA VAL B 117 9.50 5.16 -1.77
C VAL B 117 9.80 5.10 -3.28
N ALA B 118 11.08 5.04 -3.67
CA ALA B 118 11.45 5.03 -5.08
C ALA B 118 11.74 3.64 -5.61
N LEU B 119 10.72 2.78 -5.55
CA LEU B 119 10.84 1.41 -6.02
C LEU B 119 9.76 1.20 -7.07
N ASP B 120 10.11 0.56 -8.19
CA ASP B 120 9.13 0.35 -9.25
C ASP B 120 8.68 -1.10 -9.28
N TYR B 121 7.37 -1.30 -9.12
CA TYR B 121 6.72 -2.62 -9.13
C TYR B 121 5.45 -2.57 -9.99
N PRO B 122 4.95 -3.74 -10.49
CA PRO B 122 3.70 -3.73 -11.28
C PRO B 122 2.52 -3.16 -10.49
N ALA B 123 1.56 -2.50 -11.18
CA ALA B 123 0.40 -1.89 -10.52
C ALA B 123 -0.39 -2.82 -9.58
N GLY B 124 -0.35 -4.14 -9.84
CA GLY B 124 -0.99 -5.14 -9.01
C GLY B 124 -0.36 -5.31 -7.62
N THR B 125 0.78 -4.63 -7.38
CA THR B 125 1.50 -4.56 -6.09
C THR B 125 0.92 -3.40 -5.22
N SER B 126 -0.07 -2.62 -5.72
CA SER B 126 -0.70 -1.50 -5.02
C SER B 126 -1.37 -2.02 -3.76
N GLY B 127 -1.11 -1.37 -2.63
CA GLY B 127 -1.66 -1.74 -1.33
C GLY B 127 -0.64 -2.41 -0.43
N SER B 128 0.57 -2.71 -0.95
CA SER B 128 1.62 -3.35 -0.17
C SER B 128 2.07 -2.44 0.99
N PRO B 129 2.17 -3.02 2.19
CA PRO B 129 2.58 -2.20 3.34
C PRO B 129 4.04 -1.73 3.34
N ILE B 130 4.26 -0.54 3.92
CA ILE B 130 5.59 0.02 4.12
C ILE B 130 5.81 0.01 5.63
N LEU B 131 6.97 -0.51 6.11
CA LEU B 131 7.18 -0.69 7.54
C LEU B 131 8.33 0.08 8.15
N ASP B 132 8.25 0.35 9.47
CA ASP B 132 9.35 0.92 10.24
C ASP B 132 10.17 -0.22 10.90
N LYS B 133 11.32 0.09 11.53
CA LYS B 133 12.17 -0.92 12.18
C LYS B 133 11.42 -1.82 13.19
N CYS B 134 10.29 -1.32 13.76
CA CYS B 134 9.45 -2.05 14.71
C CYS B 134 8.43 -3.00 14.06
N GLY B 135 8.38 -3.03 12.73
CA GLY B 135 7.41 -3.83 12.00
C GLY B 135 6.08 -3.15 11.77
N ARG B 136 5.86 -1.97 12.38
CA ARG B 136 4.60 -1.23 12.25
C ARG B 136 4.35 -0.69 10.84
N VAL B 137 3.08 -0.66 10.41
CA VAL B 137 2.75 -0.19 9.08
C VAL B 137 2.67 1.34 9.06
N ILE B 138 3.63 1.99 8.40
CA ILE B 138 3.66 3.45 8.30
C ILE B 138 2.91 4.00 7.05
N GLY B 139 2.41 3.10 6.20
CA GLY B 139 1.66 3.52 5.02
C GLY B 139 1.54 2.43 3.97
N LEU B 140 0.86 2.73 2.87
CA LEU B 140 0.70 1.79 1.76
C LEU B 140 1.35 2.35 0.50
N TYR B 141 1.84 1.42 -0.34
CA TYR B 141 2.55 1.67 -1.57
C TYR B 141 1.60 1.49 -2.75
N GLY B 142 1.57 2.43 -3.69
CA GLY B 142 0.70 2.30 -4.85
C GLY B 142 0.10 3.57 -5.42
N ASN B 143 0.32 4.71 -4.76
CA ASN B 143 -0.17 5.99 -5.27
C ASN B 143 0.96 7.00 -5.27
N GLY B 144 1.37 7.36 -6.46
CA GLY B 144 2.43 8.32 -6.63
C GLY B 144 2.48 8.90 -8.03
N VAL B 145 3.68 8.98 -8.59
CA VAL B 145 3.87 9.60 -9.88
C VAL B 145 4.92 8.89 -10.75
N VAL B 146 4.88 9.12 -12.07
CA VAL B 146 5.85 8.55 -13.00
C VAL B 146 6.88 9.61 -13.29
N ILE B 147 8.17 9.32 -13.04
CA ILE B 147 9.22 10.31 -13.28
C ILE B 147 9.80 10.24 -14.72
N LYS B 148 10.63 11.23 -15.12
CA LYS B 148 11.23 11.34 -16.46
C LYS B 148 11.83 10.05 -17.01
N ASN B 149 12.32 9.19 -16.13
CA ASN B 149 12.96 7.90 -16.45
C ASN B 149 11.95 6.84 -16.92
N GLY B 150 10.73 6.92 -16.40
CA GLY B 150 9.68 5.93 -16.63
C GLY B 150 9.32 5.18 -15.37
N SER B 151 10.26 5.14 -14.39
CA SER B 151 10.08 4.46 -13.10
CA SER B 151 10.06 4.45 -13.11
C SER B 151 8.97 5.14 -12.27
N TYR B 152 8.43 4.41 -11.27
CA TYR B 152 7.38 4.91 -10.41
C TYR B 152 7.95 5.31 -9.06
N VAL B 153 7.47 6.42 -8.51
CA VAL B 153 7.85 6.84 -7.17
C VAL B 153 6.53 6.98 -6.43
N SER B 154 6.30 6.13 -5.43
CA SER B 154 5.05 6.13 -4.69
C SER B 154 5.16 6.93 -3.40
N ALA B 155 4.03 7.49 -2.95
CA ALA B 155 4.00 8.15 -1.66
C ALA B 155 3.86 7.09 -0.55
N ILE B 156 4.25 7.45 0.67
CA ILE B 156 4.00 6.60 1.83
C ILE B 156 2.59 7.06 2.27
N THR B 157 1.51 6.42 1.77
CA THR B 157 0.15 6.85 2.09
C THR B 157 -0.41 6.29 3.41
N GLN B 158 -0.66 7.17 4.37
CA GLN B 158 -1.23 6.78 5.66
C GLN B 158 -2.62 7.41 5.90
N GLY B 159 -3.52 6.64 6.50
CA GLY B 159 -4.85 7.11 6.87
C GLY B 159 -4.88 7.65 8.28
N LYS B 160 -6.08 8.01 8.75
CA LYS B 160 -6.25 8.56 10.10
C LYS B 160 -6.98 7.55 11.01
N ARG B 161 -6.49 7.34 12.22
CA ARG B 161 -7.14 6.45 13.17
C ARG B 161 -8.01 7.30 14.08
N GLU B 162 -9.33 7.13 14.02
CA GLU B 162 -10.28 7.90 14.84
C GLU B 162 -10.16 7.53 16.33
S DMS C . -18.93 -0.74 -6.50
O DMS C . -18.88 -0.48 -5.04
C1 DMS C . -19.28 -2.50 -6.79
C2 DMS C . -17.23 -0.84 -7.13
N1 A1B8W D . -1.57 3.65 -9.17
N3 A1B8W D . 3.22 2.07 -12.25
C4 A1B8W D . -5.05 4.51 -10.08
C5 A1B8W D . -5.30 5.54 -9.18
C6 A1B8W D . -4.35 5.91 -8.24
C7 A1B8W D . -3.10 5.32 -8.22
C8 A1B8W D . -4.91 7.01 -7.38
C10 A1B8W D . 0.37 2.51 -10.12
C13 A1B8W D . 2.82 1.11 -9.94
C15 A1B8W D . 2.49 2.91 -13.04
O1 A1B8W D . -1.32 3.52 -11.41
C1 A1B8W D . -0.92 3.25 -10.28
C2 A1B8W D . -2.85 4.28 -9.13
C3 A1B8W D . -3.80 3.93 -10.09
N2 A1B8W D . -6.04 7.49 -8.19
C9 A1B8W D . -6.55 6.35 -8.97
C11 A1B8W D . 0.70 1.76 -9.00
C12 A1B8W D . 1.90 1.08 -8.94
BR1 A1B8W D . 2.28 0.04 -7.37
C14 A1B8W D . 2.52 1.84 -11.08
O2 A1B8W D . 2.82 3.34 -14.16
N4 A1B8W D . 1.33 3.21 -12.38
C16 A1B8W D . 1.31 2.54 -11.18
#